data_5J79
#
_entry.id   5J79
#
_cell.length_a   133.523
_cell.length_b   133.523
_cell.length_c   107.946
_cell.angle_alpha   90.00
_cell.angle_beta   90.00
_cell.angle_gamma   120.00
#
_symmetry.space_group_name_H-M   'P 32 2 1'
#
loop_
_entity.id
_entity.type
_entity.pdbx_description
1 polymer 'Receptor-interacting serine/threonine-protein kinase 2'
2 non-polymer 4-methyl-3-{[6-(methylsulfonyl)quinolin-4-yl]amino}phenol
3 non-polymer 'SULFATE ION'
4 water water
#
_entity_poly.entity_id   1
_entity_poly.type   'polypeptide(L)'
_entity_poly.pdbx_seq_one_letter_code
;MDYKDDDDKENLYFQGMNGEAICSALPTIPYHKLADLRYLSRGASGTVSSARHADWRVQVAVKHLHIHTPLLDSERKDVL
REAEILHKARFSYILPILGICNEPEFLGIVTEYMPNGSLNELLHRKTEYPDVAWPLRFRILHEIALGVNYLHNMTPPLLH
HDLKTQNILLDNEFHVKIADFGLSKWRMMSLSQSRSSKSAPEGGTIIYMPPENYEPGQKSRASIKHDIYSYAVITWEVLS
RKQPFEDVTNPLQIMYSVSQGHRPVINEESLPYDIPHRARMISLIESGWAQNPDERPSFLKCLIELEPVLRTFEEITFLE
AVIQLK
;
_entity_poly.pdbx_strand_id   A,B
#
# COMPACT_ATOMS: atom_id res chain seq x y z
N ASN A 18 -18.81 -2.09 9.59
CA ASN A 18 -18.50 -2.70 10.91
C ASN A 18 -19.20 -4.05 11.09
N GLY A 19 -18.40 -5.11 11.29
CA GLY A 19 -18.92 -6.48 11.45
C GLY A 19 -18.25 -7.31 12.51
N GLU A 20 -19.06 -8.08 13.25
CA GLU A 20 -18.63 -8.95 14.36
C GLU A 20 -18.12 -8.20 15.60
N ALA A 21 -17.82 -6.91 15.42
CA ALA A 21 -17.29 -5.98 16.45
C ALA A 21 -15.75 -6.03 16.61
N ILE A 22 -15.06 -6.44 15.54
CA ILE A 22 -13.58 -6.56 15.53
C ILE A 22 -12.95 -5.15 15.47
N CYS A 23 -12.09 -4.84 16.45
CA CYS A 23 -11.45 -3.52 16.52
C CYS A 23 -9.91 -3.48 16.49
N SER A 24 -9.37 -2.44 15.87
CA SER A 24 -7.92 -2.22 15.77
C SER A 24 -7.58 -0.85 16.33
N ALA A 25 -6.59 -0.80 17.22
CA ALA A 25 -6.19 0.46 17.85
C ALA A 25 -5.01 1.09 17.13
N LEU A 26 -4.99 2.41 17.05
CA LEU A 26 -3.87 3.12 16.45
C LEU A 26 -2.74 3.23 17.49
N PRO A 27 -1.51 2.80 17.11
CA PRO A 27 -0.39 2.80 18.05
C PRO A 27 0.10 4.20 18.38
N THR A 28 0.61 4.36 19.60
CA THR A 28 1.22 5.62 20.01
C THR A 28 2.72 5.42 19.79
N ILE A 29 3.37 6.46 19.28
CA ILE A 29 4.77 6.38 18.95
C ILE A 29 5.49 7.42 19.78
N PRO A 30 6.48 7.00 20.58
CA PRO A 30 7.19 8.01 21.35
C PRO A 30 8.00 8.86 20.40
N TYR A 31 7.98 10.18 20.60
CA TYR A 31 8.71 11.11 19.78
C TYR A 31 10.18 10.74 19.64
N HIS A 32 10.79 10.26 20.73
CA HIS A 32 12.21 9.90 20.74
C HIS A 32 12.52 8.66 19.86
N LYS A 33 11.48 7.95 19.42
CA LYS A 33 11.66 6.81 18.51
C LYS A 33 11.79 7.27 17.05
N LEU A 34 11.64 8.57 16.80
CA LEU A 34 11.80 9.15 15.45
C LEU A 34 13.18 9.72 15.31
N ALA A 35 14.00 9.09 14.48
CA ALA A 35 15.38 9.56 14.26
C ALA A 35 15.46 10.30 12.94
N ASP A 36 16.51 11.10 12.80
CA ASP A 36 16.81 11.80 11.56
C ASP A 36 15.69 12.75 11.03
N LEU A 37 15.07 13.50 11.94
CA LEU A 37 14.04 14.48 11.55
C LEU A 37 14.60 15.50 10.57
N ARG A 38 13.93 15.65 9.45
CA ARG A 38 14.30 16.60 8.41
C ARG A 38 13.04 17.31 7.95
N TYR A 39 13.09 18.64 7.97
CA TYR A 39 12.00 19.49 7.55
C TYR A 39 11.61 19.19 6.09
N LEU A 40 10.31 19.01 5.83
CA LEU A 40 9.82 18.83 4.46
C LEU A 40 9.05 20.04 3.97
N SER A 41 8.12 20.55 4.79
CA SER A 41 7.31 21.73 4.44
C SER A 41 6.53 22.27 5.64
N ARG A 42 5.99 23.48 5.45
CA ARG A 42 5.12 24.17 6.41
C ARG A 42 3.88 24.66 5.69
N GLY A 43 2.71 24.27 6.19
CA GLY A 43 1.44 24.68 5.59
C GLY A 43 0.51 25.26 6.63
N ALA A 44 -0.78 25.26 6.33
CA ALA A 44 -1.78 25.75 7.26
C ALA A 44 -1.92 24.84 8.49
N SER A 45 -2.20 23.55 8.25
CA SER A 45 -2.39 22.59 9.35
C SER A 45 -1.13 22.19 10.14
N GLY A 46 0.03 22.70 9.74
CA GLY A 46 1.28 22.43 10.47
C GLY A 46 2.55 22.18 9.65
N THR A 47 3.58 21.69 10.34
CA THR A 47 4.87 21.34 9.74
C THR A 47 4.97 19.84 9.46
N VAL A 48 5.55 19.48 8.31
CA VAL A 48 5.71 18.09 7.93
C VAL A 48 7.19 17.72 7.80
N SER A 49 7.60 16.67 8.48
CA SER A 49 9.01 16.22 8.43
C SER A 49 9.12 14.77 8.06
N SER A 50 10.26 14.40 7.49
CA SER A 50 10.57 12.98 7.23
C SER A 50 11.34 12.49 8.46
N ALA A 51 11.38 11.19 8.67
CA ALA A 51 12.13 10.61 9.79
C ALA A 51 12.21 9.14 9.55
N ARG A 52 12.95 8.44 10.41
CA ARG A 52 13.01 6.98 10.37
C ARG A 52 12.67 6.49 11.77
N HIS A 53 11.82 5.48 11.84
CA HIS A 53 11.44 4.89 13.12
C HIS A 53 12.60 4.00 13.60
N ALA A 54 13.09 4.28 14.80
CA ALA A 54 14.26 3.54 15.36
C ALA A 54 14.05 2.03 15.53
N ASP A 55 12.82 1.62 15.84
CA ASP A 55 12.51 0.21 16.03
C ASP A 55 11.96 -0.48 14.77
N TRP A 56 11.09 0.20 14.02
CA TRP A 56 10.46 -0.41 12.85
C TRP A 56 11.37 -0.38 11.62
N ARG A 57 12.32 0.54 11.64
CA ARG A 57 13.31 0.71 10.58
C ARG A 57 12.76 1.02 9.19
N VAL A 58 11.74 1.88 9.17
CA VAL A 58 11.13 2.38 7.94
C VAL A 58 11.13 3.91 7.96
N GLN A 59 11.18 4.54 6.77
CA GLN A 59 11.04 5.99 6.71
C GLN A 59 9.57 6.33 6.99
N VAL A 60 9.34 7.46 7.63
CA VAL A 60 7.98 7.90 7.94
C VAL A 60 7.92 9.40 7.69
N ALA A 61 6.69 9.92 7.67
CA ALA A 61 6.46 11.37 7.58
C ALA A 61 5.67 11.70 8.84
N VAL A 62 5.97 12.85 9.43
CA VAL A 62 5.27 13.25 10.64
C VAL A 62 4.79 14.68 10.50
N LYS A 63 3.50 14.88 10.76
CA LYS A 63 2.89 16.19 10.73
C LYS A 63 2.67 16.67 12.16
N HIS A 64 3.31 17.77 12.52
CA HIS A 64 3.17 18.39 13.86
C HIS A 64 2.59 19.80 13.82
N LEU A 65 2.15 20.31 14.98
CA LEU A 65 1.58 21.67 15.10
C LEU A 65 2.47 22.79 14.54
N ARG A 76 -4.79 20.62 18.36
CA ARG A 76 -4.83 19.34 19.08
C ARG A 76 -6.03 18.49 18.67
N LYS A 77 -7.21 18.79 19.23
CA LYS A 77 -8.43 18.07 18.87
C LYS A 77 -8.58 18.05 17.34
N ASP A 78 -7.94 19.02 16.69
CA ASP A 78 -7.90 19.14 15.22
C ASP A 78 -6.93 18.11 14.66
N VAL A 79 -5.68 18.17 15.12
CA VAL A 79 -4.64 17.22 14.70
C VAL A 79 -5.15 15.79 14.98
N LEU A 80 -5.67 15.56 16.19
CA LEU A 80 -6.18 14.24 16.55
C LEU A 80 -7.40 13.81 15.74
N ARG A 81 -8.15 14.78 15.22
CA ARG A 81 -9.33 14.48 14.43
C ARG A 81 -8.93 13.84 13.10
N GLU A 82 -7.91 14.43 12.45
CA GLU A 82 -7.40 13.89 11.18
C GLU A 82 -6.88 12.45 11.37
N ALA A 83 -6.26 12.20 12.52
CA ALA A 83 -5.74 10.89 12.83
C ALA A 83 -6.86 9.86 12.94
N GLU A 84 -7.99 10.28 13.51
CA GLU A 84 -9.15 9.41 13.69
C GLU A 84 -9.78 9.07 12.33
N ILE A 85 -9.83 10.06 11.45
CA ILE A 85 -10.38 9.88 10.10
C ILE A 85 -9.47 8.96 9.26
N LEU A 86 -8.17 9.28 9.21
CA LEU A 86 -7.22 8.44 8.46
C LEU A 86 -7.28 7.01 8.95
N HIS A 87 -7.34 6.84 10.26
CA HIS A 87 -7.38 5.51 10.81
C HIS A 87 -8.67 4.75 10.45
N LYS A 88 -9.78 5.46 10.34
CA LYS A 88 -11.05 4.79 10.02
C LYS A 88 -11.27 4.63 8.53
N ALA A 89 -10.72 5.54 7.73
CA ALA A 89 -10.87 5.50 6.28
C ALA A 89 -9.72 4.79 5.54
N ARG A 90 -9.09 3.80 6.18
CA ARG A 90 -7.97 3.06 5.59
C ARG A 90 -8.44 2.42 4.30
N PHE A 91 -7.66 2.60 3.24
CA PHE A 91 -7.98 2.03 1.93
C PHE A 91 -6.80 2.25 1.00
N SER A 92 -6.75 1.44 -0.07
CA SER A 92 -5.65 1.42 -1.05
C SER A 92 -5.21 2.77 -1.61
N TYR A 93 -6.15 3.74 -1.69
CA TYR A 93 -5.80 5.04 -2.25
C TYR A 93 -5.89 6.20 -1.26
N ILE A 94 -5.98 5.84 0.04
CA ILE A 94 -5.94 6.78 1.15
C ILE A 94 -4.58 6.71 1.88
N LEU A 95 -3.92 7.85 2.09
CA LEU A 95 -2.66 7.92 2.84
C LEU A 95 -2.70 6.99 4.08
N PRO A 96 -1.76 6.03 4.19
CA PRO A 96 -1.84 5.15 5.38
C PRO A 96 -1.21 5.74 6.65
N ILE A 97 -1.96 5.70 7.75
CA ILE A 97 -1.48 6.23 9.03
C ILE A 97 -0.81 5.10 9.83
N LEU A 98 0.32 5.40 10.46
CA LEU A 98 1.05 4.41 11.26
C LEU A 98 0.86 4.56 12.78
N GLY A 99 0.64 5.79 13.23
CA GLY A 99 0.42 6.07 14.65
C GLY A 99 0.38 7.55 14.96
N ILE A 100 0.31 7.89 16.25
CA ILE A 100 0.38 9.30 16.69
C ILE A 100 1.40 9.52 17.77
N CYS A 101 1.91 10.74 17.84
CA CYS A 101 2.73 11.18 18.94
C CYS A 101 1.82 12.01 19.82
N ASN A 102 1.71 11.59 21.08
CA ASN A 102 0.83 12.24 22.05
C ASN A 102 1.61 12.49 23.33
N GLU A 103 2.36 13.58 23.35
CA GLU A 103 3.20 13.92 24.48
C GLU A 103 3.00 15.35 24.93
N PRO A 104 3.28 15.63 26.22
CA PRO A 104 3.23 17.01 26.67
C PRO A 104 4.11 17.87 25.78
N GLU A 105 5.30 17.37 25.47
CA GLU A 105 6.25 18.09 24.61
C GLU A 105 5.81 18.21 23.14
N PHE A 106 5.22 17.15 22.59
CA PHE A 106 4.99 17.07 21.16
C PHE A 106 3.67 16.38 20.76
N LEU A 107 3.02 16.90 19.72
CA LEU A 107 1.82 16.28 19.15
C LEU A 107 1.98 16.16 17.64
N GLY A 108 1.73 14.96 17.10
CA GLY A 108 1.90 14.73 15.67
C GLY A 108 1.23 13.48 15.10
N ILE A 109 1.04 13.49 13.77
CA ILE A 109 0.46 12.35 13.03
C ILE A 109 1.57 11.70 12.22
N VAL A 110 1.73 10.39 12.41
CA VAL A 110 2.80 9.65 11.72
C VAL A 110 2.22 8.75 10.62
N THR A 111 2.68 8.95 9.41
CA THR A 111 2.20 8.15 8.28
C THR A 111 3.36 7.54 7.53
N GLU A 112 3.05 6.72 6.53
CA GLU A 112 4.06 6.23 5.59
C GLU A 112 4.54 7.45 4.82
N TYR A 113 5.82 7.48 4.50
CA TYR A 113 6.41 8.58 3.73
C TYR A 113 6.13 8.42 2.22
N MET A 114 5.70 9.50 1.55
CA MET A 114 5.44 9.46 0.11
C MET A 114 6.63 10.13 -0.58
N PRO A 115 7.52 9.31 -1.19
CA PRO A 115 8.77 9.79 -1.76
C PRO A 115 8.63 10.69 -2.98
N ASN A 116 7.49 10.62 -3.66
CA ASN A 116 7.33 11.42 -4.88
C ASN A 116 6.46 12.68 -4.77
N GLY A 117 6.32 13.18 -3.55
CA GLY A 117 5.58 14.39 -3.29
C GLY A 117 4.14 14.40 -3.76
N SER A 118 3.73 15.58 -4.25
CA SER A 118 2.34 15.79 -4.64
C SER A 118 2.10 15.82 -6.13
N LEU A 119 0.85 15.55 -6.50
CA LEU A 119 0.43 15.64 -7.88
C LEU A 119 0.69 17.07 -8.40
N ASN A 120 0.52 18.06 -7.53
CA ASN A 120 0.78 19.44 -7.88
C ASN A 120 2.20 19.65 -8.42
N GLU A 121 3.20 19.12 -7.70
CA GLU A 121 4.59 19.23 -8.14
C GLU A 121 4.86 18.49 -9.45
N LEU A 122 4.17 17.38 -9.69
CA LEU A 122 4.38 16.60 -10.91
C LEU A 122 3.84 17.35 -12.11
N LEU A 123 2.66 17.96 -11.96
CA LEU A 123 2.02 18.69 -13.04
C LEU A 123 2.68 20.02 -13.45
N HIS A 124 3.31 20.72 -12.52
CA HIS A 124 3.80 22.08 -12.83
C HIS A 124 5.30 22.26 -12.82
N ARG A 125 6.03 21.32 -12.25
CA ARG A 125 7.50 21.39 -12.29
C ARG A 125 7.99 20.80 -13.62
N LYS A 126 7.81 21.59 -14.69
CA LYS A 126 8.09 21.23 -16.09
C LYS A 126 9.57 20.95 -16.42
N THR A 127 10.51 21.56 -15.70
CA THR A 127 11.94 21.30 -15.93
C THR A 127 12.29 19.93 -15.36
N GLU A 128 11.91 19.69 -14.10
CA GLU A 128 12.16 18.41 -13.44
C GLU A 128 11.32 17.26 -14.05
N TYR A 129 10.13 17.58 -14.58
CA TYR A 129 9.27 16.57 -15.23
C TYR A 129 8.86 17.06 -16.62
N PRO A 130 9.81 17.02 -17.58
CA PRO A 130 9.56 17.48 -18.93
C PRO A 130 8.42 16.77 -19.60
N ASP A 131 8.24 15.50 -19.29
CA ASP A 131 7.23 14.72 -19.99
C ASP A 131 6.49 13.84 -18.99
N VAL A 132 5.17 13.78 -19.10
CA VAL A 132 4.37 12.97 -18.20
C VAL A 132 3.39 12.18 -19.05
N ALA A 133 3.78 10.96 -19.43
CA ALA A 133 3.00 10.12 -20.34
C ALA A 133 1.54 10.01 -19.97
N TRP A 134 0.68 9.89 -20.99
CA TRP A 134 -0.77 9.80 -20.81
C TRP A 134 -1.24 8.65 -19.92
N PRO A 135 -0.65 7.44 -20.07
CA PRO A 135 -1.20 6.35 -19.24
C PRO A 135 -1.10 6.67 -17.74
N LEU A 136 0.01 7.25 -17.32
CA LEU A 136 0.19 7.59 -15.91
C LEU A 136 -0.91 8.58 -15.47
N ARG A 137 -1.07 9.66 -16.26
CA ARG A 137 -2.11 10.64 -16.00
C ARG A 137 -3.47 9.96 -15.78
N PHE A 138 -3.84 9.07 -16.69
CA PHE A 138 -5.13 8.38 -16.56
C PHE A 138 -5.19 7.45 -15.36
N ARG A 139 -4.06 6.84 -15.01
CA ARG A 139 -4.05 5.95 -13.84
C ARG A 139 -4.27 6.80 -12.58
N ILE A 140 -3.59 7.96 -12.54
CA ILE A 140 -3.75 8.92 -11.44
C ILE A 140 -5.21 9.33 -11.31
N LEU A 141 -5.84 9.73 -12.42
CA LEU A 141 -7.26 10.14 -12.41
C LEU A 141 -8.17 9.04 -11.91
N HIS A 142 -7.90 7.81 -12.31
CA HIS A 142 -8.71 6.65 -11.93
C HIS A 142 -8.59 6.38 -10.42
N GLU A 143 -7.36 6.42 -9.90
CA GLU A 143 -7.08 6.14 -8.48
C GLU A 143 -7.70 7.18 -7.52
N ILE A 144 -7.59 8.47 -7.85
CA ILE A 144 -8.25 9.51 -7.08
C ILE A 144 -9.74 9.19 -6.99
N ALA A 145 -10.38 8.96 -8.14
CA ALA A 145 -11.80 8.62 -8.18
C ALA A 145 -12.14 7.39 -7.34
N LEU A 146 -11.29 6.37 -7.41
CA LEU A 146 -11.49 5.17 -6.58
C LEU A 146 -11.41 5.54 -5.09
N GLY A 147 -10.43 6.38 -4.74
CA GLY A 147 -10.28 6.83 -3.36
C GLY A 147 -11.51 7.58 -2.86
N VAL A 148 -11.89 8.65 -3.58
CA VAL A 148 -13.06 9.43 -3.20
C VAL A 148 -14.34 8.60 -3.19
N ASN A 149 -14.46 7.68 -4.15
CA ASN A 149 -15.62 6.78 -4.20
C ASN A 149 -15.72 5.94 -2.94
N TYR A 150 -14.60 5.36 -2.50
CA TYR A 150 -14.58 4.59 -1.26
C TYR A 150 -15.07 5.43 -0.09
N LEU A 151 -14.53 6.65 0.04
CA LEU A 151 -14.94 7.58 1.11
C LEU A 151 -16.47 7.77 1.13
N HIS A 152 -17.02 8.13 -0.03
CA HIS A 152 -18.46 8.36 -0.18
C HIS A 152 -19.29 7.12 0.14
N ASN A 153 -18.73 5.93 -0.06
CA ASN A 153 -19.44 4.67 0.25
C ASN A 153 -19.31 4.20 1.69
N MET A 154 -18.51 4.91 2.49
CA MET A 154 -18.37 4.53 3.90
C MET A 154 -19.72 4.70 4.59
N THR A 155 -19.85 4.12 5.76
CA THR A 155 -21.11 4.23 6.46
C THR A 155 -20.86 4.65 7.93
N PRO A 156 -21.12 5.92 8.26
CA PRO A 156 -21.63 6.96 7.36
C PRO A 156 -20.61 7.49 6.36
N PRO A 157 -21.06 8.05 5.24
CA PRO A 157 -20.16 8.61 4.22
C PRO A 157 -19.23 9.70 4.76
N LEU A 158 -18.05 9.82 4.16
CA LEU A 158 -17.09 10.85 4.49
C LEU A 158 -16.90 11.76 3.27
N LEU A 159 -16.85 13.06 3.50
CA LEU A 159 -16.72 14.02 2.42
C LEU A 159 -15.43 14.80 2.69
N HIS A 160 -14.59 14.90 1.68
CA HIS A 160 -13.27 15.45 1.86
C HIS A 160 -13.24 16.98 1.95
N HIS A 161 -13.99 17.65 1.08
CA HIS A 161 -14.08 19.12 1.03
C HIS A 161 -12.79 19.91 0.75
N ASP A 162 -11.65 19.25 0.68
CA ASP A 162 -10.47 19.99 0.29
C ASP A 162 -9.59 19.23 -0.75
N LEU A 163 -10.24 18.58 -1.73
CA LEU A 163 -9.49 17.91 -2.79
C LEU A 163 -8.82 18.92 -3.71
N LYS A 164 -7.51 18.77 -3.90
CA LYS A 164 -6.73 19.64 -4.76
C LYS A 164 -5.49 18.89 -5.14
N THR A 165 -4.72 19.39 -6.10
CA THR A 165 -3.52 18.66 -6.54
C THR A 165 -2.42 18.60 -5.47
N GLN A 166 -2.45 19.54 -4.51
CA GLN A 166 -1.48 19.59 -3.41
C GLN A 166 -1.79 18.49 -2.38
N ASN A 167 -3.02 17.96 -2.40
CA ASN A 167 -3.46 16.93 -1.43
C ASN A 167 -3.54 15.50 -1.97
N ILE A 168 -3.01 15.29 -3.17
CA ILE A 168 -2.94 13.99 -3.80
C ILE A 168 -1.46 13.64 -3.76
N LEU A 169 -1.10 12.70 -2.90
CA LEU A 169 0.31 12.33 -2.79
C LEU A 169 0.62 11.12 -3.67
N LEU A 170 1.88 11.08 -4.12
CA LEU A 170 2.32 10.05 -5.02
C LEU A 170 3.40 9.18 -4.34
N ASP A 171 3.19 7.86 -4.32
CA ASP A 171 4.16 6.96 -3.67
C ASP A 171 5.35 6.62 -4.58
N ASN A 172 6.19 5.67 -4.14
CA ASN A 172 7.41 5.29 -4.88
C ASN A 172 7.22 4.88 -6.34
N GLU A 173 6.06 4.32 -6.68
CA GLU A 173 5.75 3.94 -8.07
C GLU A 173 4.70 4.84 -8.70
N PHE A 174 4.49 6.02 -8.08
CA PHE A 174 3.53 7.00 -8.54
C PHE A 174 2.06 6.57 -8.45
N HIS A 175 1.74 5.78 -7.43
CA HIS A 175 0.35 5.47 -7.13
C HIS A 175 -0.18 6.57 -6.20
N VAL A 176 -1.51 6.74 -6.21
CA VAL A 176 -2.19 7.82 -5.48
C VAL A 176 -2.49 7.52 -4.01
N LYS A 177 -2.19 8.49 -3.15
CA LYS A 177 -2.59 8.42 -1.74
C LYS A 177 -3.21 9.76 -1.44
N ILE A 178 -4.51 9.78 -1.20
CA ILE A 178 -5.22 11.03 -0.87
C ILE A 178 -4.91 11.40 0.58
N ALA A 179 -4.48 12.64 0.78
CA ALA A 179 -4.13 13.15 2.11
C ALA A 179 -4.98 14.38 2.49
N ASP A 180 -4.58 15.03 3.60
CA ASP A 180 -5.20 16.26 4.14
C ASP A 180 -6.71 16.18 4.40
N PHE A 181 -7.06 15.44 5.44
CA PHE A 181 -8.46 15.27 5.84
C PHE A 181 -8.86 16.29 6.92
N GLY A 182 -8.09 17.37 7.01
CA GLY A 182 -8.34 18.43 7.98
C GLY A 182 -9.73 19.07 7.87
N LEU A 183 -10.15 19.42 6.66
CA LEU A 183 -11.46 20.07 6.48
C LEU A 183 -12.59 19.10 6.15
N SER A 184 -12.35 17.80 6.33
CA SER A 184 -13.33 16.78 5.94
C SER A 184 -14.48 16.61 6.96
N LYS A 185 -15.62 16.10 6.48
CA LYS A 185 -16.80 15.90 7.34
C LYS A 185 -17.63 14.64 7.05
N TRP A 186 -18.11 14.01 8.11
CA TRP A 186 -18.99 12.86 7.99
C TRP A 186 -20.39 13.39 7.64
N ARG A 187 -21.13 12.63 6.83
CA ARG A 187 -22.48 13.07 6.46
C ARG A 187 -23.54 12.44 7.39
N MET A 188 -24.28 13.30 8.10
CA MET A 188 -25.29 12.87 9.06
C MET A 188 -26.57 13.70 8.94
N SER A 199 -25.74 28.95 9.54
CA SER A 199 -24.82 27.95 8.99
C SER A 199 -23.88 28.53 7.92
N ALA A 200 -22.59 28.56 8.26
CA ALA A 200 -21.51 29.06 7.39
C ALA A 200 -21.12 28.05 6.29
N PRO A 201 -20.43 28.52 5.23
CA PRO A 201 -20.01 27.57 4.18
C PRO A 201 -18.84 26.67 4.61
N GLU A 202 -18.73 25.49 4.00
CA GLU A 202 -17.63 24.55 4.25
C GLU A 202 -16.31 25.16 3.79
N GLY A 203 -15.21 24.66 4.34
CA GLY A 203 -13.89 25.13 3.95
C GLY A 203 -13.41 24.51 2.65
N GLY A 204 -12.24 24.93 2.19
CA GLY A 204 -11.64 24.42 0.97
C GLY A 204 -10.70 25.45 0.35
N THR A 205 -10.20 25.14 -0.83
CA THR A 205 -9.32 26.02 -1.60
C THR A 205 -10.17 26.56 -2.75
N ILE A 206 -10.18 27.89 -2.87
CA ILE A 206 -11.05 28.62 -3.81
C ILE A 206 -11.20 27.96 -5.18
N ILE A 207 -10.07 27.80 -5.87
CA ILE A 207 -10.01 27.23 -7.20
C ILE A 207 -10.69 25.86 -7.41
N TYR A 208 -10.84 25.07 -6.34
CA TYR A 208 -11.47 23.74 -6.44
C TYR A 208 -12.80 23.71 -5.70
N MET A 209 -13.31 24.91 -5.39
CA MET A 209 -14.54 25.06 -4.61
C MET A 209 -15.73 25.42 -5.48
N PRO A 210 -16.82 24.63 -5.38
CA PRO A 210 -18.05 24.95 -6.12
C PRO A 210 -18.61 26.32 -5.65
N PRO A 211 -19.23 27.10 -6.55
CA PRO A 211 -19.67 28.47 -6.23
C PRO A 211 -20.71 28.56 -5.11
N GLU A 212 -21.59 27.55 -5.01
CA GLU A 212 -22.62 27.55 -3.97
C GLU A 212 -22.07 27.37 -2.55
N ASN A 213 -20.76 27.17 -2.43
N ASN A 213 -20.77 27.15 -2.44
CA ASN A 213 -20.10 27.00 -1.14
CA ASN A 213 -20.13 27.00 -1.15
C ASN A 213 -19.27 28.22 -0.78
C ASN A 213 -19.22 28.19 -0.84
N TYR A 214 -19.46 29.31 -1.51
CA TYR A 214 -18.73 30.55 -1.27
C TYR A 214 -19.25 31.36 -0.06
N GLU A 215 -20.56 31.37 0.12
CA GLU A 215 -21.22 32.16 1.16
C GLU A 215 -22.02 31.30 2.11
N PRO A 216 -22.59 31.92 3.17
CA PRO A 216 -23.52 31.26 4.10
C PRO A 216 -24.97 31.54 3.73
N SER A 223 -23.23 19.78 1.46
CA SER A 223 -23.44 19.30 0.10
C SER A 223 -22.58 18.09 -0.25
N ILE A 224 -23.21 17.12 -0.89
CA ILE A 224 -22.56 15.88 -1.31
C ILE A 224 -21.79 16.07 -2.62
N LYS A 225 -22.06 17.17 -3.33
CA LYS A 225 -21.46 17.41 -4.64
C LYS A 225 -20.29 18.40 -4.63
N HIS A 226 -19.62 18.54 -3.48
CA HIS A 226 -18.45 19.40 -3.41
C HIS A 226 -17.28 18.68 -4.11
N ASP A 227 -16.98 17.46 -3.65
CA ASP A 227 -15.82 16.67 -4.14
C ASP A 227 -15.77 16.51 -5.66
N ILE A 228 -16.91 16.18 -6.25
CA ILE A 228 -16.97 15.99 -7.69
C ILE A 228 -16.61 17.25 -8.47
N TYR A 229 -16.94 18.41 -7.92
CA TYR A 229 -16.59 19.69 -8.56
C TYR A 229 -15.05 19.82 -8.52
N SER A 230 -14.47 19.48 -7.37
CA SER A 230 -13.01 19.56 -7.18
C SER A 230 -12.34 18.58 -8.14
N TYR A 231 -12.88 17.37 -8.22
CA TYR A 231 -12.38 16.37 -9.15
C TYR A 231 -12.33 16.91 -10.59
N ALA A 232 -13.39 17.59 -11.01
CA ALA A 232 -13.43 18.14 -12.36
C ALA A 232 -12.31 19.13 -12.62
N VAL A 233 -12.05 20.01 -11.67
CA VAL A 233 -10.95 20.96 -11.84
C VAL A 233 -9.62 20.20 -11.85
N ILE A 234 -9.52 19.18 -10.99
CA ILE A 234 -8.31 18.34 -10.93
C ILE A 234 -8.08 17.68 -12.30
N THR A 235 -9.14 17.06 -12.85
CA THR A 235 -9.06 16.45 -14.18
C THR A 235 -8.54 17.45 -15.23
N TRP A 236 -9.17 18.62 -15.33
CA TRP A 236 -8.72 19.67 -16.26
C TRP A 236 -7.24 19.99 -16.04
N GLU A 237 -6.83 20.06 -14.77
CA GLU A 237 -5.46 20.41 -14.45
C GLU A 237 -4.44 19.34 -14.86
N VAL A 238 -4.84 18.07 -14.71
CA VAL A 238 -4.02 16.92 -15.07
C VAL A 238 -3.81 16.85 -16.60
N LEU A 239 -4.89 17.01 -17.36
CA LEU A 239 -4.82 16.95 -18.82
C LEU A 239 -4.13 18.15 -19.49
N SER A 240 -4.05 19.28 -18.81
CA SER A 240 -3.49 20.48 -19.42
C SER A 240 -2.10 20.84 -18.90
N ARG A 241 -1.80 20.44 -17.68
CA ARG A 241 -0.58 20.86 -16.98
C ARG A 241 -0.54 22.41 -16.82
N LYS A 242 -1.72 23.01 -16.70
CA LYS A 242 -1.84 24.46 -16.52
C LYS A 242 -2.53 24.84 -15.22
N GLN A 243 -2.19 26.01 -14.67
CA GLN A 243 -2.87 26.54 -13.48
C GLN A 243 -4.30 26.92 -13.87
N PRO A 244 -5.32 26.44 -13.13
CA PRO A 244 -6.66 26.91 -13.47
C PRO A 244 -6.78 28.40 -13.18
N PHE A 245 -7.38 29.13 -14.14
CA PHE A 245 -7.55 30.59 -14.05
C PHE A 245 -6.19 31.29 -14.00
N GLU A 246 -5.22 30.80 -14.76
CA GLU A 246 -3.85 31.35 -14.77
C GLU A 246 -3.77 32.84 -15.09
N ASP A 247 -4.64 33.30 -15.99
CA ASP A 247 -4.69 34.69 -16.45
C ASP A 247 -5.07 35.69 -15.37
N VAL A 248 -5.91 35.26 -14.44
CA VAL A 248 -6.43 36.10 -13.38
C VAL A 248 -5.49 36.16 -12.16
N THR A 249 -4.96 37.35 -11.87
CA THR A 249 -4.04 37.53 -10.72
C THR A 249 -4.78 37.77 -9.38
N ASN A 250 -6.05 38.13 -9.47
CA ASN A 250 -6.86 38.43 -8.30
C ASN A 250 -7.85 37.31 -8.00
N PRO A 251 -7.64 36.57 -6.88
CA PRO A 251 -8.53 35.46 -6.49
C PRO A 251 -9.99 35.83 -6.33
N LEU A 252 -10.27 37.07 -5.94
CA LEU A 252 -11.67 37.48 -5.77
C LEU A 252 -12.35 37.58 -7.14
N GLN A 253 -11.59 38.01 -8.16
CA GLN A 253 -12.11 38.06 -9.52
C GLN A 253 -12.52 36.64 -9.97
N ILE A 254 -11.68 35.65 -9.66
CA ILE A 254 -12.01 34.25 -9.94
C ILE A 254 -13.37 33.92 -9.33
N MET A 255 -13.55 34.17 -8.04
CA MET A 255 -14.84 33.88 -7.39
C MET A 255 -16.03 34.53 -8.11
N TYR A 256 -15.85 35.77 -8.56
CA TYR A 256 -16.90 36.46 -9.30
C TYR A 256 -17.21 35.71 -10.59
N SER A 257 -16.17 35.57 -11.43
CA SER A 257 -16.24 34.84 -12.71
C SER A 257 -16.91 33.48 -12.58
N VAL A 258 -16.43 32.67 -11.64
CA VAL A 258 -16.99 31.35 -11.41
C VAL A 258 -18.47 31.46 -11.05
N SER A 259 -18.84 32.50 -10.31
CA SER A 259 -20.23 32.67 -9.88
C SER A 259 -21.11 32.99 -11.09
N GLN A 260 -20.60 33.88 -11.95
CA GLN A 260 -21.29 34.22 -13.19
C GLN A 260 -21.49 32.93 -14.01
N GLY A 261 -20.41 32.18 -14.24
CA GLY A 261 -20.48 30.91 -14.95
C GLY A 261 -19.21 30.43 -15.60
N HIS A 262 -18.20 31.30 -15.69
CA HIS A 262 -16.91 30.94 -16.26
C HIS A 262 -16.27 29.72 -15.53
N ARG A 263 -15.43 29.00 -16.27
CA ARG A 263 -14.71 27.84 -15.80
C ARG A 263 -13.33 27.96 -16.40
N PRO A 264 -12.39 27.06 -16.05
CA PRO A 264 -11.08 27.20 -16.73
C PRO A 264 -11.23 26.99 -18.24
N VAL A 265 -10.32 27.59 -19.00
CA VAL A 265 -10.34 27.59 -20.47
C VAL A 265 -10.30 26.19 -21.11
N ILE A 266 -11.36 25.82 -21.81
CA ILE A 266 -11.41 24.54 -22.56
C ILE A 266 -11.30 24.79 -24.07
N ASN A 267 -10.07 24.86 -24.57
CA ASN A 267 -9.81 25.05 -25.99
C ASN A 267 -8.72 24.08 -26.50
N GLU A 268 -8.01 24.46 -27.56
CA GLU A 268 -6.92 23.64 -28.10
C GLU A 268 -5.64 23.93 -27.33
N GLU A 269 -5.42 25.21 -27.06
CA GLU A 269 -4.27 25.69 -26.32
C GLU A 269 -4.11 25.01 -24.94
N SER A 270 -5.24 24.74 -24.28
CA SER A 270 -5.23 24.11 -22.97
C SER A 270 -5.30 22.60 -23.08
N LEU A 271 -6.31 22.11 -23.82
CA LEU A 271 -6.48 20.66 -24.04
C LEU A 271 -6.22 20.27 -25.51
N PRO A 272 -4.95 19.97 -25.86
CA PRO A 272 -4.55 19.62 -27.23
C PRO A 272 -5.38 18.46 -27.81
N TYR A 273 -5.45 18.38 -29.13
CA TYR A 273 -6.26 17.36 -29.82
C TYR A 273 -5.75 15.92 -29.67
N ASP A 274 -4.46 15.79 -29.39
CA ASP A 274 -3.81 14.47 -29.20
C ASP A 274 -4.06 13.81 -27.84
N ILE A 275 -5.08 14.25 -27.12
CA ILE A 275 -5.40 13.69 -25.81
C ILE A 275 -6.28 12.46 -25.98
N PRO A 276 -5.82 11.29 -25.52
CA PRO A 276 -6.64 10.09 -25.62
C PRO A 276 -8.06 10.35 -25.12
N HIS A 277 -9.06 9.98 -25.92
CA HIS A 277 -10.49 10.14 -25.57
C HIS A 277 -10.93 11.57 -25.18
N ARG A 278 -10.26 12.57 -25.78
CA ARG A 278 -10.51 13.98 -25.51
C ARG A 278 -11.97 14.33 -25.31
N ALA A 279 -12.84 13.74 -26.13
CA ALA A 279 -14.26 14.01 -26.07
C ALA A 279 -14.93 13.49 -24.81
N ARG A 280 -14.80 12.20 -24.52
CA ARG A 280 -15.46 11.61 -23.34
C ARG A 280 -14.91 12.23 -22.06
N MET A 281 -13.68 12.73 -22.14
CA MET A 281 -13.04 13.38 -20.99
C MET A 281 -13.59 14.79 -20.79
N ILE A 282 -13.66 15.58 -21.88
CA ILE A 282 -14.19 16.94 -21.84
C ILE A 282 -15.66 16.93 -21.43
N SER A 283 -16.34 15.86 -21.80
CA SER A 283 -17.70 15.65 -21.37
C SER A 283 -17.73 15.51 -19.84
N LEU A 284 -16.83 14.69 -19.29
CA LEU A 284 -16.77 14.40 -17.84
C LEU A 284 -16.42 15.65 -17.01
N ILE A 285 -15.39 16.37 -17.45
CA ILE A 285 -14.99 17.61 -16.82
C ILE A 285 -16.17 18.58 -16.69
N GLU A 286 -16.90 18.79 -17.79
CA GLU A 286 -17.98 19.78 -17.82
C GLU A 286 -19.19 19.44 -17.01
N SER A 287 -19.53 18.16 -16.91
CA SER A 287 -20.69 17.77 -16.12
C SER A 287 -20.40 17.80 -14.62
N GLY A 288 -19.15 17.55 -14.27
CA GLY A 288 -18.72 17.54 -12.88
C GLY A 288 -18.61 18.93 -12.30
N TRP A 289 -18.27 19.90 -13.15
CA TRP A 289 -18.17 21.28 -12.72
C TRP A 289 -19.37 22.17 -13.14
N ALA A 290 -20.52 21.52 -13.27
CA ALA A 290 -21.78 22.20 -13.61
C ALA A 290 -22.07 23.29 -12.59
N GLN A 291 -22.86 24.30 -12.98
CA GLN A 291 -23.28 25.35 -12.05
C GLN A 291 -24.33 24.76 -11.11
N ASN A 292 -25.15 23.85 -11.62
CA ASN A 292 -26.18 23.17 -10.83
C ASN A 292 -25.63 21.91 -10.16
N PRO A 293 -25.58 21.91 -8.82
CA PRO A 293 -25.20 20.75 -8.00
C PRO A 293 -25.87 19.43 -8.40
N ASP A 294 -27.12 19.50 -8.84
CA ASP A 294 -27.86 18.28 -9.21
C ASP A 294 -27.53 17.72 -10.60
N GLU A 295 -26.83 18.49 -11.43
CA GLU A 295 -26.37 18.04 -12.73
C GLU A 295 -24.95 17.47 -12.65
N ARG A 296 -24.52 17.12 -11.44
CA ARG A 296 -23.18 16.57 -11.21
C ARG A 296 -23.29 15.10 -10.86
N PRO A 297 -22.46 14.25 -11.51
CA PRO A 297 -22.50 12.79 -11.33
C PRO A 297 -21.83 12.30 -10.05
N SER A 298 -22.21 11.10 -9.61
CA SER A 298 -21.58 10.48 -8.45
C SER A 298 -20.21 9.94 -8.89
N PHE A 299 -19.32 9.68 -7.94
CA PHE A 299 -18.02 9.09 -8.30
C PHE A 299 -18.20 7.71 -8.95
N LEU A 300 -19.16 6.92 -8.44
CA LEU A 300 -19.50 5.61 -9.02
C LEU A 300 -19.72 5.67 -10.53
N LYS A 301 -20.44 6.70 -10.99
CA LYS A 301 -20.72 6.86 -12.42
C LYS A 301 -19.46 7.25 -13.19
N CYS A 302 -18.61 8.07 -12.56
CA CYS A 302 -17.35 8.44 -13.18
C CYS A 302 -16.46 7.23 -13.40
N LEU A 303 -16.44 6.35 -12.41
CA LEU A 303 -15.63 5.15 -12.49
C LEU A 303 -16.07 4.34 -13.70
N ILE A 304 -17.37 4.07 -13.74
CA ILE A 304 -18.01 3.30 -14.81
C ILE A 304 -17.65 3.82 -16.21
N GLU A 305 -17.45 5.13 -16.35
CA GLU A 305 -17.01 5.68 -17.62
C GLU A 305 -15.52 5.47 -17.84
N LEU A 306 -14.73 5.65 -16.79
CA LEU A 306 -13.27 5.62 -16.86
C LEU A 306 -12.65 4.24 -17.09
N GLU A 307 -13.30 3.20 -16.58
CA GLU A 307 -12.82 1.83 -16.71
C GLU A 307 -12.44 1.46 -18.16
N PRO A 308 -13.39 1.58 -19.13
CA PRO A 308 -13.05 1.27 -20.52
C PRO A 308 -11.86 2.05 -21.05
N VAL A 309 -11.75 3.33 -20.68
CA VAL A 309 -10.64 4.18 -21.13
C VAL A 309 -9.31 3.63 -20.60
N LEU A 310 -9.30 3.23 -19.33
CA LEU A 310 -8.11 2.67 -18.71
C LEU A 310 -7.73 1.33 -19.31
N ARG A 311 -8.75 0.56 -19.72
CA ARG A 311 -8.50 -0.72 -20.37
C ARG A 311 -7.83 -0.59 -21.74
N THR A 312 -7.75 0.62 -22.30
CA THR A 312 -7.10 0.79 -23.61
C THR A 312 -5.59 0.94 -23.49
N PHE A 313 -5.07 0.98 -22.26
CA PHE A 313 -3.63 1.12 -22.03
C PHE A 313 -3.03 -0.20 -21.57
N GLU A 314 -1.94 -0.61 -22.20
CA GLU A 314 -1.26 -1.85 -21.80
C GLU A 314 -0.48 -1.65 -20.51
N GLU A 315 -0.46 -2.67 -19.66
CA GLU A 315 0.25 -2.60 -18.38
C GLU A 315 1.65 -2.01 -18.43
N ILE A 316 2.38 -2.40 -19.47
CA ILE A 316 3.78 -2.03 -19.64
C ILE A 316 3.97 -0.52 -19.82
N THR A 317 2.91 0.15 -20.30
CA THR A 317 3.01 1.60 -20.56
C THR A 317 3.05 2.41 -19.27
N PHE A 318 2.44 1.87 -18.21
CA PHE A 318 2.52 2.51 -16.90
C PHE A 318 3.96 2.46 -16.35
N LEU A 319 4.57 1.28 -16.36
CA LEU A 319 5.95 1.16 -15.89
C LEU A 319 6.87 2.04 -16.71
N GLU A 320 6.61 2.11 -18.02
CA GLU A 320 7.44 2.91 -18.92
C GLU A 320 7.37 4.40 -18.56
N ALA A 321 6.15 4.86 -18.24
CA ALA A 321 5.92 6.26 -17.82
C ALA A 321 6.73 6.59 -16.57
N VAL A 322 6.71 5.69 -15.60
CA VAL A 322 7.44 5.86 -14.35
C VAL A 322 8.97 5.93 -14.59
N ILE A 323 9.51 5.02 -15.41
CA ILE A 323 10.96 5.02 -15.70
C ILE A 323 11.33 6.31 -16.42
N GLN A 324 10.43 6.80 -17.26
CA GLN A 324 10.67 8.07 -17.94
C GLN A 324 10.84 9.23 -16.93
N LEU A 325 10.07 9.22 -15.83
CA LEU A 325 10.15 10.27 -14.80
C LEU A 325 11.44 10.24 -13.98
N LYS A 326 11.95 9.05 -13.68
CA LYS A 326 13.19 8.89 -12.95
C LYS A 326 14.33 9.29 -13.86
N ALA B 21 -7.12 6.62 22.49
CA ALA B 21 -7.80 5.31 22.36
C ALA B 21 -8.52 5.16 21.00
N ILE B 22 -7.89 5.70 19.95
CA ILE B 22 -8.42 5.72 18.56
C ILE B 22 -8.73 4.31 18.01
N CYS B 23 -9.98 4.07 17.60
CA CYS B 23 -10.41 2.75 17.09
C CYS B 23 -10.98 2.69 15.67
N SER B 24 -10.76 1.55 15.02
CA SER B 24 -11.21 1.30 13.66
C SER B 24 -11.83 -0.09 13.64
N ALA B 25 -12.98 -0.22 12.98
CA ALA B 25 -13.69 -1.48 12.90
C ALA B 25 -13.57 -2.06 11.49
N LEU B 26 -13.51 -3.38 11.39
CA LEU B 26 -13.41 -4.02 10.10
C LEU B 26 -14.79 -4.00 9.43
N PRO B 27 -14.88 -3.43 8.22
CA PRO B 27 -16.17 -3.36 7.54
C PRO B 27 -16.72 -4.75 7.29
N THR B 28 -18.04 -4.85 7.23
CA THR B 28 -18.70 -6.12 6.93
C THR B 28 -19.11 -6.06 5.45
N ILE B 29 -18.84 -7.12 4.70
CA ILE B 29 -19.13 -7.11 3.27
C ILE B 29 -20.19 -8.14 2.88
N PRO B 30 -21.28 -7.68 2.23
CA PRO B 30 -22.33 -8.58 1.76
C PRO B 30 -21.85 -9.40 0.56
N TYR B 31 -22.05 -10.72 0.60
CA TYR B 31 -21.61 -11.63 -0.46
C TYR B 31 -22.11 -11.26 -1.87
N HIS B 32 -23.32 -10.71 -1.96
CA HIS B 32 -23.87 -10.31 -3.26
C HIS B 32 -23.09 -9.13 -3.86
N LYS B 33 -22.22 -8.53 -3.06
CA LYS B 33 -21.37 -7.42 -3.50
C LYS B 33 -20.08 -7.89 -4.19
N LEU B 34 -19.82 -9.20 -4.13
CA LEU B 34 -18.63 -9.81 -4.75
C LEU B 34 -18.98 -10.46 -6.09
N ALA B 35 -18.63 -9.78 -7.17
CA ALA B 35 -18.92 -10.26 -8.52
C ALA B 35 -17.73 -10.97 -9.13
N ASP B 36 -18.01 -11.82 -10.12
CA ASP B 36 -16.98 -12.56 -10.88
C ASP B 36 -16.05 -13.43 -10.04
N LEU B 37 -16.62 -14.17 -9.08
CA LEU B 37 -15.84 -15.09 -8.23
C LEU B 37 -15.16 -16.19 -9.05
N ARG B 38 -13.83 -16.11 -9.15
CA ARG B 38 -13.06 -17.09 -9.92
C ARG B 38 -12.00 -17.72 -9.04
N TYR B 39 -11.95 -19.05 -9.10
CA TYR B 39 -11.00 -19.87 -8.34
C TYR B 39 -9.53 -19.48 -8.54
N LEU B 40 -8.75 -19.48 -7.46
CA LEU B 40 -7.30 -19.25 -7.51
C LEU B 40 -6.48 -20.44 -6.99
N SER B 41 -6.88 -20.98 -5.83
CA SER B 41 -6.22 -22.14 -5.24
C SER B 41 -7.01 -22.71 -4.07
N ARG B 42 -6.69 -23.96 -3.71
CA ARG B 42 -7.27 -24.63 -2.54
C ARG B 42 -6.13 -24.86 -1.56
N GLY B 43 -6.36 -24.56 -0.29
CA GLY B 43 -5.34 -24.74 0.73
C GLY B 43 -5.84 -25.41 1.99
N ALA B 44 -4.93 -25.61 2.94
CA ALA B 44 -5.28 -26.20 4.23
C ALA B 44 -6.29 -25.32 4.97
N SER B 45 -6.06 -24.00 4.96
CA SER B 45 -6.95 -23.04 5.65
C SER B 45 -8.12 -22.51 4.81
N GLY B 46 -8.51 -23.25 3.76
CA GLY B 46 -9.65 -22.86 2.91
C GLY B 46 -9.32 -22.66 1.44
N THR B 47 -10.28 -22.09 0.70
CA THR B 47 -10.15 -21.83 -0.74
C THR B 47 -10.06 -20.33 -1.06
N VAL B 48 -9.15 -19.97 -1.97
CA VAL B 48 -8.97 -18.58 -2.37
C VAL B 48 -9.50 -18.33 -3.77
N SER B 49 -10.34 -17.31 -3.90
CA SER B 49 -10.90 -16.88 -5.18
C SER B 49 -10.63 -15.39 -5.38
N SER B 50 -10.55 -14.97 -6.63
CA SER B 50 -10.44 -13.56 -6.98
C SER B 50 -11.83 -13.07 -7.32
N ALA B 51 -12.06 -11.77 -7.18
CA ALA B 51 -13.37 -11.19 -7.46
C ALA B 51 -13.23 -9.71 -7.68
N ARG B 52 -14.37 -9.05 -7.89
CA ARG B 52 -14.42 -7.59 -7.99
C ARG B 52 -15.50 -7.10 -7.05
N HIS B 53 -15.29 -5.93 -6.46
CA HIS B 53 -16.29 -5.37 -5.57
C HIS B 53 -17.19 -4.45 -6.40
N ALA B 54 -18.51 -4.65 -6.27
CA ALA B 54 -19.51 -3.92 -7.06
C ALA B 54 -19.57 -2.43 -6.80
N ASP B 55 -19.40 -2.04 -5.52
CA ASP B 55 -19.43 -0.63 -5.15
C ASP B 55 -18.08 0.05 -5.27
N TRP B 56 -17.02 -0.60 -4.76
CA TRP B 56 -15.67 0.02 -4.76
C TRP B 56 -14.95 -0.03 -6.09
N ARG B 57 -15.36 -0.95 -6.96
CA ARG B 57 -14.81 -1.10 -8.31
C ARG B 57 -13.33 -1.45 -8.25
N VAL B 58 -13.00 -2.42 -7.40
CA VAL B 58 -11.62 -2.92 -7.28
C VAL B 58 -11.61 -4.45 -7.24
N GLN B 59 -10.51 -5.04 -7.70
CA GLN B 59 -10.32 -6.47 -7.57
C GLN B 59 -9.95 -6.79 -6.13
N VAL B 60 -10.47 -7.90 -5.64
CA VAL B 60 -10.20 -8.36 -4.29
C VAL B 60 -9.91 -9.85 -4.28
N ALA B 61 -9.45 -10.36 -3.13
CA ALA B 61 -9.27 -11.79 -2.99
C ALA B 61 -10.13 -12.20 -1.81
N VAL B 62 -10.70 -13.41 -1.90
CA VAL B 62 -11.58 -13.93 -0.86
C VAL B 62 -11.15 -15.33 -0.49
N LYS B 63 -10.97 -15.55 0.81
CA LYS B 63 -10.58 -16.84 1.34
C LYS B 63 -11.77 -17.35 2.15
N HIS B 64 -12.41 -18.41 1.65
CA HIS B 64 -13.59 -19.02 2.30
C HIS B 64 -13.32 -20.42 2.84
N LEU B 65 -13.93 -20.72 3.99
CA LEU B 65 -13.74 -22.00 4.72
C LEU B 65 -13.75 -23.30 3.88
N ARG B 76 -14.58 -22.28 11.51
CA ARG B 76 -15.10 -20.91 11.57
C ARG B 76 -14.28 -20.07 12.52
N LYS B 77 -14.04 -20.59 13.73
CA LYS B 77 -13.24 -19.89 14.73
C LYS B 77 -11.90 -19.46 14.11
N ASP B 78 -11.40 -20.27 13.17
CA ASP B 78 -10.13 -20.01 12.46
C ASP B 78 -10.20 -18.86 11.45
N VAL B 79 -11.28 -18.83 10.67
CA VAL B 79 -11.48 -17.78 9.67
C VAL B 79 -11.64 -16.44 10.40
N LEU B 80 -12.36 -16.46 11.52
CA LEU B 80 -12.57 -15.27 12.32
C LEU B 80 -11.27 -14.78 12.96
N ARG B 81 -10.39 -15.72 13.30
CA ARG B 81 -9.12 -15.43 13.96
C ARG B 81 -8.13 -14.74 13.03
N GLU B 82 -7.83 -15.38 11.89
CA GLU B 82 -6.95 -14.78 10.91
C GLU B 82 -7.39 -13.35 10.58
N ALA B 83 -8.70 -13.13 10.42
CA ALA B 83 -9.24 -11.81 10.10
C ALA B 83 -8.93 -10.76 11.17
N GLU B 84 -9.05 -11.16 12.44
CA GLU B 84 -8.75 -10.23 13.53
C GLU B 84 -7.26 -9.91 13.56
N ILE B 85 -6.43 -10.92 13.25
CA ILE B 85 -4.98 -10.73 13.24
C ILE B 85 -4.52 -9.77 12.12
N LEU B 86 -4.99 -9.98 10.89
CA LEU B 86 -4.68 -9.07 9.79
C LEU B 86 -5.13 -7.63 10.07
N HIS B 87 -6.27 -7.49 10.73
CA HIS B 87 -6.80 -6.16 11.03
C HIS B 87 -5.97 -5.47 12.10
N LYS B 88 -5.47 -6.22 13.07
CA LYS B 88 -4.65 -5.64 14.12
C LYS B 88 -3.20 -5.46 13.69
N ALA B 89 -2.73 -6.36 12.83
CA ALA B 89 -1.33 -6.35 12.41
C ALA B 89 -1.08 -5.53 11.15
N ARG B 90 -1.96 -4.59 10.82
CA ARG B 90 -1.77 -3.84 9.58
C ARG B 90 -0.54 -2.95 9.53
N PHE B 91 0.19 -3.12 8.43
CA PHE B 91 1.46 -2.45 8.20
C PHE B 91 1.85 -2.61 6.73
N SER B 92 2.79 -1.80 6.28
CA SER B 92 3.23 -1.76 4.87
C SER B 92 3.61 -3.09 4.20
N TYR B 93 4.04 -4.08 4.98
CA TYR B 93 4.47 -5.37 4.43
C TYR B 93 3.58 -6.56 4.84
N ILE B 94 2.41 -6.27 5.41
CA ILE B 94 1.44 -7.29 5.79
C ILE B 94 0.25 -7.24 4.82
N LEU B 95 -0.25 -8.40 4.37
CA LEU B 95 -1.42 -8.41 3.48
C LEU B 95 -2.56 -7.53 4.06
N PRO B 96 -2.98 -6.49 3.33
CA PRO B 96 -4.05 -5.60 3.84
C PRO B 96 -5.45 -6.19 3.66
N ILE B 97 -6.18 -6.29 4.79
CA ILE B 97 -7.52 -6.85 4.84
C ILE B 97 -8.54 -5.74 4.54
N LEU B 98 -9.51 -6.00 3.67
CA LEU B 98 -10.52 -5.00 3.30
C LEU B 98 -11.82 -5.14 4.09
N GLY B 99 -12.13 -6.36 4.48
CA GLY B 99 -13.34 -6.67 5.25
C GLY B 99 -13.63 -8.15 5.39
N ILE B 100 -14.75 -8.45 6.06
CA ILE B 100 -15.18 -9.84 6.25
C ILE B 100 -16.61 -10.11 5.70
N CYS B 101 -16.82 -11.30 5.13
CA CYS B 101 -18.15 -11.77 4.69
C CYS B 101 -18.63 -12.71 5.76
N ASN B 102 -19.62 -12.26 6.53
CA ASN B 102 -20.13 -13.00 7.68
C ASN B 102 -21.62 -13.31 7.55
N GLU B 103 -21.93 -14.27 6.68
CA GLU B 103 -23.32 -14.63 6.43
C GLU B 103 -23.59 -16.09 6.80
N PRO B 104 -24.87 -16.43 7.03
CA PRO B 104 -25.19 -17.83 7.35
C PRO B 104 -24.90 -18.74 6.16
N GLU B 105 -24.98 -18.17 4.95
CA GLU B 105 -24.72 -18.89 3.71
C GLU B 105 -23.25 -18.93 3.29
N PHE B 106 -22.48 -17.88 3.62
CA PHE B 106 -21.09 -17.77 3.19
C PHE B 106 -20.20 -17.07 4.22
N LEU B 107 -18.99 -17.59 4.40
CA LEU B 107 -18.02 -17.02 5.34
C LEU B 107 -16.65 -16.81 4.69
N GLY B 108 -16.18 -15.56 4.66
CA GLY B 108 -14.89 -15.27 4.02
C GLY B 108 -14.11 -14.04 4.47
N ILE B 109 -12.80 -14.08 4.21
CA ILE B 109 -11.91 -12.96 4.50
C ILE B 109 -11.65 -12.27 3.18
N VAL B 110 -11.90 -10.96 3.13
CA VAL B 110 -11.66 -10.17 1.92
C VAL B 110 -10.39 -9.32 2.08
N THR B 111 -9.49 -9.42 1.11
CA THR B 111 -8.26 -8.65 1.12
C THR B 111 -8.02 -8.03 -0.24
N GLU B 112 -6.99 -7.20 -0.33
CA GLU B 112 -6.59 -6.68 -1.63
C GLU B 112 -6.14 -7.89 -2.43
N TYR B 113 -6.12 -7.74 -3.74
CA TYR B 113 -5.68 -8.78 -4.62
C TYR B 113 -4.18 -8.64 -4.88
N MET B 114 -3.44 -9.74 -4.83
CA MET B 114 -2.00 -9.72 -5.11
C MET B 114 -1.79 -10.37 -6.48
N PRO B 115 -1.66 -9.56 -7.52
CA PRO B 115 -1.60 -10.06 -8.91
C PRO B 115 -0.35 -10.82 -9.31
N ASN B 116 0.72 -10.74 -8.53
CA ASN B 116 1.95 -11.38 -8.94
C ASN B 116 2.28 -12.68 -8.20
N GLY B 117 1.26 -13.25 -7.55
CA GLY B 117 1.40 -14.53 -6.88
C GLY B 117 2.30 -14.54 -5.66
N SER B 118 3.10 -15.59 -5.56
CA SER B 118 3.95 -15.79 -4.42
C SER B 118 5.41 -15.81 -4.80
N LEU B 119 6.25 -15.54 -3.82
CA LEU B 119 7.67 -15.59 -3.98
C LEU B 119 8.08 -16.98 -4.48
N ASN B 120 7.41 -18.01 -3.99
CA ASN B 120 7.65 -19.38 -4.47
C ASN B 120 7.56 -19.50 -6.00
N GLU B 121 6.54 -18.90 -6.60
CA GLU B 121 6.40 -18.91 -8.05
C GLU B 121 7.48 -18.08 -8.76
N LEU B 122 7.83 -16.92 -8.21
CA LEU B 122 8.87 -16.09 -8.84
C LEU B 122 10.22 -16.80 -8.89
N LEU B 123 10.60 -17.46 -7.81
CA LEU B 123 11.88 -18.15 -7.72
C LEU B 123 11.94 -19.42 -8.55
N HIS B 124 10.85 -20.16 -8.59
CA HIS B 124 10.87 -21.48 -9.21
C HIS B 124 10.27 -21.66 -10.61
N ARG B 125 9.50 -20.70 -11.11
CA ARG B 125 9.00 -20.75 -12.49
C ARG B 125 10.05 -20.13 -13.42
N LYS B 126 11.12 -20.89 -13.66
CA LYS B 126 12.28 -20.40 -14.43
C LYS B 126 12.07 -20.19 -15.94
N THR B 127 11.04 -20.80 -16.52
CA THR B 127 10.80 -20.54 -17.93
C THR B 127 10.00 -19.24 -18.00
N GLU B 128 9.04 -19.07 -17.10
CA GLU B 128 8.27 -17.83 -17.02
C GLU B 128 9.13 -16.64 -16.57
N TYR B 129 10.10 -16.88 -15.70
CA TYR B 129 10.97 -15.80 -15.23
C TYR B 129 12.44 -16.20 -15.33
N PRO B 130 13.01 -16.18 -16.54
CA PRO B 130 14.41 -16.60 -16.64
C PRO B 130 15.36 -15.72 -15.84
N ASP B 131 15.06 -14.43 -15.69
CA ASP B 131 15.96 -13.52 -14.96
C ASP B 131 15.28 -12.80 -13.82
N VAL B 132 15.89 -12.86 -12.64
CA VAL B 132 15.39 -12.10 -11.50
C VAL B 132 16.60 -11.34 -10.95
N ALA B 133 16.71 -10.08 -11.33
CA ALA B 133 17.86 -9.26 -10.95
C ALA B 133 18.08 -9.14 -9.44
N TRP B 134 19.35 -9.09 -9.03
CA TRP B 134 19.69 -8.99 -7.61
C TRP B 134 18.96 -7.87 -6.85
N PRO B 135 18.86 -6.65 -7.42
CA PRO B 135 18.21 -5.60 -6.62
C PRO B 135 16.82 -6.01 -6.12
N LEU B 136 16.03 -6.65 -6.96
CA LEU B 136 14.70 -7.06 -6.57
C LEU B 136 14.77 -8.17 -5.51
N ARG B 137 15.73 -9.09 -5.65
CA ARG B 137 15.90 -10.17 -4.67
C ARG B 137 16.23 -9.62 -3.29
N PHE B 138 17.13 -8.65 -3.24
CA PHE B 138 17.47 -8.03 -1.98
C PHE B 138 16.35 -7.18 -1.39
N ARG B 139 15.58 -6.52 -2.27
CA ARG B 139 14.47 -5.70 -1.81
C ARG B 139 13.41 -6.61 -1.16
N ILE B 140 13.16 -7.75 -1.79
CA ILE B 140 12.22 -8.74 -1.27
C ILE B 140 12.67 -9.20 0.12
N LEU B 141 13.97 -9.51 0.26
CA LEU B 141 14.52 -9.97 1.55
C LEU B 141 14.42 -8.90 2.63
N HIS B 142 14.67 -7.66 2.24
CA HIS B 142 14.59 -6.54 3.14
C HIS B 142 13.15 -6.34 3.64
N GLU B 143 12.20 -6.37 2.71
CA GLU B 143 10.79 -6.19 3.03
C GLU B 143 10.21 -7.31 3.93
N ILE B 144 10.63 -8.57 3.71
CA ILE B 144 10.18 -9.68 4.56
C ILE B 144 10.65 -9.44 5.99
N ALA B 145 11.92 -9.07 6.14
CA ALA B 145 12.48 -8.79 7.44
C ALA B 145 11.72 -7.63 8.10
N LEU B 146 11.48 -6.53 7.35
CA LEU B 146 10.71 -5.40 7.88
C LEU B 146 9.33 -5.82 8.42
N GLY B 147 8.64 -6.66 7.68
CA GLY B 147 7.33 -7.14 8.08
C GLY B 147 7.32 -7.96 9.36
N VAL B 148 8.22 -8.94 9.44
CA VAL B 148 8.31 -9.81 10.61
C VAL B 148 8.77 -9.00 11.81
N ASN B 149 9.68 -8.06 11.57
CA ASN B 149 10.18 -7.19 12.63
C ASN B 149 9.01 -6.43 13.26
N TYR B 150 8.16 -5.84 12.39
CA TYR B 150 6.99 -5.11 12.87
C TYR B 150 6.12 -6.01 13.75
N LEU B 151 5.81 -7.22 13.27
CA LEU B 151 5.00 -8.17 14.05
C LEU B 151 5.60 -8.39 15.45
N HIS B 152 6.88 -8.74 15.49
CA HIS B 152 7.59 -8.98 16.73
C HIS B 152 7.60 -7.78 17.68
N ASN B 153 7.47 -6.58 17.11
CA ASN B 153 7.44 -5.32 17.86
C ASN B 153 6.06 -4.84 18.31
N MET B 154 5.02 -5.60 18.00
CA MET B 154 3.68 -5.27 18.47
C MET B 154 3.60 -5.59 19.97
N THR B 155 2.63 -5.00 20.66
CA THR B 155 2.40 -5.32 22.08
C THR B 155 0.97 -5.84 22.18
N PRO B 156 0.81 -7.15 22.47
CA PRO B 156 1.93 -8.06 22.66
C PRO B 156 2.55 -8.53 21.32
N PRO B 157 3.78 -9.09 21.36
CA PRO B 157 4.44 -9.51 20.12
C PRO B 157 3.68 -10.62 19.38
N LEU B 158 3.68 -10.52 18.06
CA LEU B 158 3.06 -11.52 17.23
C LEU B 158 4.16 -12.30 16.50
N LEU B 159 4.12 -13.63 16.64
CA LEU B 159 5.07 -14.50 15.98
C LEU B 159 4.30 -15.24 14.88
N HIS B 160 4.78 -15.14 13.64
CA HIS B 160 4.09 -15.71 12.50
C HIS B 160 4.06 -17.24 12.52
N HIS B 161 5.22 -17.84 12.76
CA HIS B 161 5.40 -19.30 12.86
C HIS B 161 4.99 -20.17 11.68
N ASP B 162 4.78 -19.57 10.51
CA ASP B 162 4.53 -20.37 9.32
C ASP B 162 5.09 -19.67 8.07
N LEU B 163 6.25 -19.03 8.22
CA LEU B 163 6.87 -18.37 7.07
C LEU B 163 7.40 -19.40 6.08
N LYS B 164 7.08 -19.18 4.82
CA LYS B 164 7.59 -19.97 3.71
C LYS B 164 7.39 -19.12 2.47
N THR B 165 8.12 -19.41 1.39
CA THR B 165 8.02 -18.62 0.15
C THR B 165 6.62 -18.59 -0.49
N GLN B 166 5.80 -19.60 -0.17
CA GLN B 166 4.41 -19.72 -0.68
C GLN B 166 3.50 -18.68 -0.02
N ASN B 167 3.92 -18.22 1.17
CA ASN B 167 3.20 -17.24 2.02
C ASN B 167 3.67 -15.80 1.86
N ILE B 168 4.69 -15.58 1.04
CA ILE B 168 5.15 -14.22 0.76
C ILE B 168 4.50 -13.79 -0.57
N LEU B 169 3.46 -12.97 -0.50
CA LEU B 169 2.78 -12.55 -1.71
C LEU B 169 3.44 -11.29 -2.28
N LEU B 170 3.23 -11.09 -3.58
CA LEU B 170 3.84 -10.00 -4.31
C LEU B 170 2.77 -9.14 -4.98
N ASP B 171 2.73 -7.86 -4.61
CA ASP B 171 1.71 -6.96 -5.14
C ASP B 171 1.96 -6.50 -6.58
N ASN B 172 1.15 -5.53 -7.04
CA ASN B 172 1.21 -4.99 -8.39
C ASN B 172 2.59 -4.49 -8.81
N GLU B 173 3.39 -4.08 -7.83
CA GLU B 173 4.71 -3.49 -8.08
C GLU B 173 5.85 -4.36 -7.57
N PHE B 174 5.51 -5.60 -7.22
CA PHE B 174 6.44 -6.59 -6.66
C PHE B 174 6.94 -6.24 -5.26
N HIS B 175 6.12 -5.53 -4.50
CA HIS B 175 6.42 -5.30 -3.10
C HIS B 175 5.82 -6.48 -2.32
N VAL B 176 6.38 -6.74 -1.15
CA VAL B 176 6.00 -7.87 -0.32
C VAL B 176 4.80 -7.60 0.58
N LYS B 177 3.97 -8.63 0.71
CA LYS B 177 2.86 -8.64 1.66
C LYS B 177 2.91 -10.06 2.25
N ILE B 178 3.17 -10.15 3.56
CA ILE B 178 3.20 -11.44 4.25
C ILE B 178 1.74 -11.89 4.49
N ALA B 179 1.47 -13.17 4.24
CA ALA B 179 0.14 -13.73 4.39
C ALA B 179 0.19 -14.98 5.27
N ASP B 180 -0.95 -15.67 5.34
CA ASP B 180 -1.17 -16.93 6.11
C ASP B 180 -0.93 -16.84 7.61
N PHE B 181 -1.83 -16.15 8.31
CA PHE B 181 -1.69 -15.98 9.75
C PHE B 181 -2.42 -17.05 10.56
N GLY B 182 -2.79 -18.14 9.89
CA GLY B 182 -3.47 -19.26 10.49
C GLY B 182 -2.76 -19.89 11.69
N LEU B 183 -1.43 -19.95 11.66
CA LEU B 183 -0.66 -20.54 12.77
C LEU B 183 0.02 -19.54 13.68
N SER B 184 -0.22 -18.25 13.46
CA SER B 184 0.48 -17.24 14.25
C SER B 184 0.05 -17.21 15.70
N LYS B 185 1.00 -16.92 16.59
CA LYS B 185 0.75 -16.88 18.02
C LYS B 185 1.13 -15.55 18.68
N TRP B 186 0.26 -15.04 19.54
CA TRP B 186 0.56 -13.86 20.35
C TRP B 186 1.46 -14.33 21.49
N ARG B 187 2.62 -13.69 21.63
CA ARG B 187 3.58 -14.03 22.69
C ARG B 187 3.03 -13.56 24.05
N MET B 188 2.68 -14.54 24.89
CA MET B 188 2.09 -14.29 26.22
C MET B 188 2.57 -15.32 27.23
N GLY B 204 1.91 -30.46 5.63
CA GLY B 204 2.61 -29.60 4.67
C GLY B 204 4.12 -29.75 4.69
N THR B 205 4.83 -28.67 4.36
CA THR B 205 6.29 -28.66 4.29
C THR B 205 6.97 -28.23 5.61
N ILE B 206 8.03 -28.96 5.96
CA ILE B 206 8.77 -28.74 7.21
C ILE B 206 10.17 -28.17 7.01
N ILE B 207 10.51 -27.81 5.78
CA ILE B 207 11.84 -27.27 5.47
C ILE B 207 12.14 -25.92 6.16
N TYR B 208 11.10 -25.18 6.54
CA TYR B 208 11.27 -23.88 7.16
C TYR B 208 11.14 -23.93 8.69
N MET B 209 11.02 -25.14 9.22
CA MET B 209 10.80 -25.34 10.67
C MET B 209 12.08 -25.73 11.39
N PRO B 210 12.41 -25.02 12.49
CA PRO B 210 13.62 -25.30 13.28
C PRO B 210 13.52 -26.66 13.99
N PRO B 211 14.67 -27.38 14.13
CA PRO B 211 14.67 -28.72 14.73
C PRO B 211 13.98 -28.83 16.09
N GLU B 212 14.21 -27.88 17.00
CA GLU B 212 13.58 -27.92 18.33
C GLU B 212 12.05 -28.00 18.33
N ASN B 213 11.41 -27.63 17.22
CA ASN B 213 9.95 -27.72 17.13
C ASN B 213 9.44 -29.13 16.90
N TYR B 214 10.27 -29.97 16.31
CA TYR B 214 9.85 -31.32 16.05
C TYR B 214 10.75 -32.40 16.65
N GLU B 215 11.50 -32.09 17.70
CA GLU B 215 12.28 -33.14 18.36
C GLU B 215 11.40 -33.88 19.38
N PRO B 216 11.55 -35.22 19.47
CA PRO B 216 10.72 -36.12 20.30
C PRO B 216 10.64 -35.74 21.79
N GLY B 217 9.44 -35.42 22.25
CA GLY B 217 9.20 -34.98 23.62
C GLY B 217 9.19 -33.46 23.77
N GLN B 218 8.53 -32.78 22.82
CA GLN B 218 8.45 -31.32 22.80
C GLN B 218 7.32 -30.80 23.70
N SER B 223 8.61 -21.20 21.12
CA SER B 223 9.92 -20.72 20.64
C SER B 223 9.80 -19.33 20.03
N ILE B 224 10.71 -18.46 20.46
CA ILE B 224 10.74 -17.09 19.97
C ILE B 224 11.76 -16.94 18.84
N LYS B 225 12.49 -18.01 18.55
CA LYS B 225 13.49 -18.04 17.49
C LYS B 225 13.10 -18.88 16.28
N HIS B 226 11.80 -19.06 16.08
CA HIS B 226 11.28 -19.83 14.95
C HIS B 226 11.35 -18.99 13.66
N ASP B 227 10.75 -17.81 13.68
CA ASP B 227 10.68 -16.93 12.50
C ASP B 227 12.03 -16.66 11.83
N ILE B 228 13.06 -16.41 12.65
CA ILE B 228 14.39 -16.17 12.10
C ILE B 228 14.96 -17.41 11.37
N TYR B 229 14.63 -18.60 11.88
CA TYR B 229 15.08 -19.86 11.26
C TYR B 229 14.48 -19.91 9.87
N SER B 230 13.16 -19.66 9.80
CA SER B 230 12.43 -19.68 8.54
C SER B 230 12.99 -18.67 7.58
N TYR B 231 13.33 -17.49 8.11
CA TYR B 231 13.91 -16.44 7.29
C TYR B 231 15.25 -16.84 6.67
N ALA B 232 16.05 -17.59 7.43
CA ALA B 232 17.35 -18.06 6.92
C ALA B 232 17.15 -19.04 5.74
N VAL B 233 16.21 -19.98 5.88
CA VAL B 233 15.92 -20.91 4.79
C VAL B 233 15.42 -20.10 3.57
N ILE B 234 14.45 -19.22 3.79
CA ILE B 234 13.95 -18.35 2.72
C ILE B 234 15.08 -17.58 1.98
N THR B 235 16.02 -17.00 2.75
CA THR B 235 17.13 -16.24 2.19
C THR B 235 17.96 -17.12 1.28
N TRP B 236 18.26 -18.33 1.76
CA TRP B 236 19.03 -19.29 0.98
C TRP B 236 18.30 -19.60 -0.35
N GLU B 237 16.99 -19.82 -0.24
CA GLU B 237 16.17 -20.14 -1.38
C GLU B 237 16.18 -18.98 -2.39
N VAL B 238 16.05 -17.75 -1.90
CA VAL B 238 16.04 -16.56 -2.77
C VAL B 238 17.37 -16.36 -3.49
N LEU B 239 18.48 -16.58 -2.78
CA LEU B 239 19.78 -16.35 -3.38
C LEU B 239 20.27 -17.49 -4.29
N SER B 240 19.60 -18.64 -4.26
CA SER B 240 20.03 -19.76 -5.11
C SER B 240 19.02 -20.20 -6.14
N ARG B 241 17.75 -19.82 -5.96
CA ARG B 241 16.62 -20.29 -6.80
C ARG B 241 16.49 -21.83 -6.81
N LYS B 242 16.97 -22.49 -5.75
CA LYS B 242 16.86 -23.95 -5.60
C LYS B 242 15.86 -24.29 -4.53
N GLN B 243 15.34 -25.51 -4.56
CA GLN B 243 14.44 -25.98 -3.52
C GLN B 243 15.34 -26.60 -2.44
N PRO B 244 15.24 -26.13 -1.18
CA PRO B 244 16.06 -26.73 -0.11
C PRO B 244 15.77 -28.23 0.01
N PHE B 245 16.82 -29.04 0.08
CA PHE B 245 16.70 -30.50 0.17
C PHE B 245 15.85 -31.12 -0.96
N GLU B 246 16.01 -30.64 -2.18
CA GLU B 246 15.22 -31.18 -3.30
C GLU B 246 15.56 -32.64 -3.57
N ASP B 247 16.85 -32.95 -3.38
N ASP B 247 16.84 -33.00 -3.45
CA ASP B 247 17.43 -34.28 -3.55
CA ASP B 247 17.23 -34.40 -3.71
C ASP B 247 16.97 -35.30 -2.51
C ASP B 247 16.83 -35.37 -2.58
N VAL B 248 16.19 -34.86 -1.53
CA VAL B 248 15.71 -35.72 -0.43
C VAL B 248 14.21 -36.00 -0.56
N THR B 249 13.89 -37.22 -0.99
CA THR B 249 12.52 -37.65 -1.29
C THR B 249 11.54 -37.82 -0.10
N ASN B 250 12.07 -38.09 1.09
CA ASN B 250 11.27 -38.37 2.27
C ASN B 250 11.40 -37.26 3.33
N PRO B 251 10.29 -36.61 3.72
CA PRO B 251 10.39 -35.52 4.72
C PRO B 251 11.02 -35.94 6.05
N LEU B 252 10.86 -37.20 6.44
CA LEU B 252 11.46 -37.68 7.70
C LEU B 252 12.98 -37.71 7.63
N GLN B 253 13.53 -37.93 6.44
CA GLN B 253 14.99 -37.88 6.26
C GLN B 253 15.49 -36.44 6.41
N ILE B 254 14.67 -35.48 5.99
CA ILE B 254 15.00 -34.06 6.15
C ILE B 254 15.00 -33.75 7.65
N MET B 255 13.88 -34.03 8.31
CA MET B 255 13.72 -33.81 9.76
C MET B 255 14.86 -34.43 10.57
N TYR B 256 15.27 -35.62 10.20
CA TYR B 256 16.36 -36.29 10.91
C TYR B 256 17.69 -35.62 10.60
N SER B 257 17.95 -35.33 9.33
CA SER B 257 19.18 -34.62 8.95
C SER B 257 19.32 -33.27 9.66
N VAL B 258 18.23 -32.49 9.66
CA VAL B 258 18.24 -31.17 10.28
C VAL B 258 18.52 -31.26 11.79
N SER B 259 17.85 -32.18 12.48
CA SER B 259 18.08 -32.36 13.92
C SER B 259 19.54 -32.72 14.21
N GLN B 260 20.19 -33.35 13.24
CA GLN B 260 21.61 -33.70 13.35
C GLN B 260 22.54 -32.56 12.89
N GLY B 261 21.96 -31.41 12.52
CA GLY B 261 22.76 -30.25 12.09
C GLY B 261 23.03 -30.01 10.62
N HIS B 262 22.50 -30.86 9.74
CA HIS B 262 22.62 -30.65 8.30
C HIS B 262 21.70 -29.50 7.92
N ARG B 263 22.13 -28.73 6.93
CA ARG B 263 21.35 -27.60 6.43
C ARG B 263 21.51 -27.59 4.92
N PRO B 264 20.66 -26.84 4.17
CA PRO B 264 20.87 -26.74 2.72
C PRO B 264 22.33 -26.43 2.38
N VAL B 265 22.80 -26.94 1.26
CA VAL B 265 24.21 -26.81 0.93
C VAL B 265 24.65 -25.40 0.57
N ILE B 266 25.78 -24.97 1.13
CA ILE B 266 26.39 -23.70 0.76
C ILE B 266 27.75 -23.96 0.12
N ASN B 267 27.79 -23.80 -1.20
CA ASN B 267 29.00 -23.94 -2.02
C ASN B 267 28.81 -23.14 -3.31
N GLU B 268 29.75 -23.23 -4.25
CA GLU B 268 29.63 -22.46 -5.49
C GLU B 268 28.48 -22.85 -6.43
N GLU B 269 28.05 -24.10 -6.38
CA GLU B 269 26.95 -24.53 -7.23
C GLU B 269 25.61 -23.95 -6.75
N SER B 270 25.39 -23.92 -5.44
CA SER B 270 24.15 -23.37 -4.87
C SER B 270 24.17 -21.86 -4.82
N LEU B 271 25.23 -21.30 -4.25
CA LEU B 271 25.38 -19.85 -4.15
C LEU B 271 26.63 -19.45 -4.91
N PRO B 272 26.47 -19.07 -6.19
CA PRO B 272 27.55 -18.64 -7.10
C PRO B 272 28.31 -17.42 -6.58
N TYR B 273 29.59 -17.30 -6.95
CA TYR B 273 30.44 -16.22 -6.47
C TYR B 273 30.08 -14.81 -6.95
N ASP B 274 29.18 -14.68 -7.92
CA ASP B 274 28.81 -13.36 -8.39
C ASP B 274 27.70 -12.73 -7.56
N ILE B 275 27.25 -13.42 -6.51
CA ILE B 275 26.19 -12.89 -5.67
C ILE B 275 26.70 -11.66 -4.92
N PRO B 276 26.09 -10.50 -5.16
CA PRO B 276 26.52 -9.30 -4.45
C PRO B 276 26.54 -9.56 -2.94
N HIS B 277 27.61 -9.13 -2.28
CA HIS B 277 27.75 -9.23 -0.81
C HIS B 277 27.61 -10.65 -0.27
N ARG B 278 28.09 -11.60 -1.07
CA ARG B 278 27.99 -13.03 -0.77
C ARG B 278 28.41 -13.39 0.65
N ALA B 279 29.60 -12.97 1.06
CA ALA B 279 30.10 -13.32 2.39
C ALA B 279 29.14 -12.87 3.48
N ARG B 280 28.66 -11.63 3.39
CA ARG B 280 27.73 -11.04 4.37
C ARG B 280 26.43 -11.85 4.49
N MET B 281 25.85 -12.24 3.35
CA MET B 281 24.60 -13.02 3.30
C MET B 281 24.76 -14.44 3.85
N ILE B 282 25.84 -15.13 3.45
CA ILE B 282 26.11 -16.50 3.93
C ILE B 282 26.22 -16.49 5.46
N SER B 283 26.97 -15.51 5.94
CA SER B 283 27.14 -15.28 7.34
C SER B 283 25.80 -15.00 8.05
N LEU B 284 24.90 -14.25 7.40
CA LEU B 284 23.58 -13.98 7.97
C LEU B 284 22.71 -15.26 7.94
N ILE B 285 22.76 -16.00 6.83
CA ILE B 285 22.03 -17.26 6.68
C ILE B 285 22.43 -18.25 7.77
N GLU B 286 23.73 -18.48 7.88
CA GLU B 286 24.29 -19.44 8.85
C GLU B 286 23.97 -19.16 10.30
N SER B 287 23.95 -17.89 10.69
CA SER B 287 23.61 -17.58 12.07
C SER B 287 22.11 -17.73 12.27
N GLY B 288 21.35 -17.39 11.23
CA GLY B 288 19.90 -17.49 11.25
C GLY B 288 19.40 -18.91 11.45
N TRP B 289 20.04 -19.91 10.83
CA TRP B 289 19.61 -21.29 11.01
C TRP B 289 20.48 -22.12 11.97
N ALA B 290 21.29 -21.44 12.79
CA ALA B 290 22.11 -22.13 13.78
C ALA B 290 21.32 -23.15 14.65
N GLN B 291 21.98 -24.24 15.03
CA GLN B 291 21.34 -25.31 15.84
C GLN B 291 20.75 -24.83 17.17
N ASN B 292 21.53 -23.99 17.86
CA ASN B 292 21.18 -23.39 19.15
C ASN B 292 20.37 -22.11 18.91
N PRO B 293 19.09 -22.09 19.34
CA PRO B 293 18.25 -20.91 19.07
C PRO B 293 18.84 -19.61 19.63
N ASP B 294 19.52 -19.70 20.78
CA ASP B 294 20.15 -18.54 21.42
C ASP B 294 21.19 -17.85 20.54
N GLU B 295 21.75 -18.56 19.56
CA GLU B 295 22.75 -17.97 18.66
C GLU B 295 22.17 -17.31 17.40
N ARG B 296 20.86 -17.43 17.23
CA ARG B 296 20.17 -16.83 16.09
C ARG B 296 19.89 -15.36 16.36
N PRO B 297 20.07 -14.50 15.35
CA PRO B 297 19.88 -13.07 15.58
C PRO B 297 18.42 -12.63 15.65
N SER B 298 18.21 -11.52 16.34
CA SER B 298 16.91 -10.86 16.37
C SER B 298 16.75 -10.22 14.99
N PHE B 299 15.52 -9.80 14.66
CA PHE B 299 15.30 -9.15 13.39
C PHE B 299 15.90 -7.73 13.31
N LEU B 300 16.08 -7.09 14.46
CA LEU B 300 16.80 -5.82 14.52
C LEU B 300 18.25 -6.00 13.98
N LYS B 301 18.95 -6.99 14.51
CA LYS B 301 20.33 -7.27 14.11
C LYS B 301 20.35 -7.52 12.62
N CYS B 302 19.41 -8.36 12.20
CA CYS B 302 19.23 -8.77 10.83
C CYS B 302 19.04 -7.56 9.89
N LEU B 303 18.20 -6.62 10.31
CA LEU B 303 17.97 -5.42 9.53
C LEU B 303 19.17 -4.48 9.48
N ILE B 304 19.92 -4.41 10.58
CA ILE B 304 21.10 -3.55 10.65
C ILE B 304 22.18 -4.10 9.71
N GLU B 305 22.17 -5.41 9.49
CA GLU B 305 23.05 -6.05 8.52
C GLU B 305 22.58 -5.77 7.09
N LEU B 306 21.29 -5.93 6.81
CA LEU B 306 20.76 -5.69 5.47
C LEU B 306 20.85 -4.23 5.00
N GLU B 307 20.60 -3.29 5.90
CA GLU B 307 20.58 -1.87 5.54
C GLU B 307 21.71 -1.38 4.63
N PRO B 308 22.99 -1.57 5.03
CA PRO B 308 24.11 -1.11 4.19
C PRO B 308 24.14 -1.76 2.81
N VAL B 309 23.68 -3.01 2.71
CA VAL B 309 23.58 -3.69 1.44
C VAL B 309 22.55 -3.00 0.54
N LEU B 310 21.34 -2.76 1.06
CA LEU B 310 20.31 -2.13 0.25
C LEU B 310 20.63 -0.72 -0.20
N ARG B 311 21.48 -0.02 0.55
CA ARG B 311 21.91 1.33 0.17
C ARG B 311 22.76 1.37 -1.10
N THR B 312 23.38 0.25 -1.46
CA THR B 312 24.25 0.20 -2.65
C THR B 312 23.47 0.24 -3.97
N PHE B 313 22.20 -0.16 -3.94
CA PHE B 313 21.39 -0.18 -5.17
C PHE B 313 20.76 1.15 -5.51
N GLU B 314 20.95 1.60 -6.76
CA GLU B 314 20.30 2.82 -7.24
C GLU B 314 18.80 2.58 -7.36
N GLU B 315 18.00 3.53 -6.92
CA GLU B 315 16.57 3.37 -6.90
C GLU B 315 15.94 2.94 -8.25
N ILE B 316 16.53 3.39 -9.36
CA ILE B 316 16.00 3.04 -10.68
C ILE B 316 16.27 1.58 -11.08
N THR B 317 17.29 0.95 -10.49
CA THR B 317 17.57 -0.44 -10.80
C THR B 317 16.44 -1.37 -10.30
N PHE B 318 15.69 -0.94 -9.29
CA PHE B 318 14.55 -1.74 -8.79
C PHE B 318 13.44 -1.75 -9.84
N LEU B 319 13.15 -0.58 -10.38
CA LEU B 319 12.15 -0.43 -11.43
C LEU B 319 12.55 -1.18 -12.69
N GLU B 320 13.85 -1.21 -13.00
CA GLU B 320 14.33 -1.92 -14.18
C GLU B 320 14.27 -3.41 -13.98
N ALA B 321 14.47 -3.87 -12.75
CA ALA B 321 14.42 -5.29 -12.46
C ALA B 321 13.01 -5.79 -12.66
N VAL B 322 12.02 -4.96 -12.27
CA VAL B 322 10.60 -5.28 -12.38
C VAL B 322 10.08 -5.31 -13.83
N ILE B 323 10.51 -4.35 -14.65
CA ILE B 323 10.07 -4.30 -16.04
C ILE B 323 10.68 -5.45 -16.85
N GLN B 324 11.81 -5.98 -16.40
CA GLN B 324 12.46 -7.10 -17.06
C GLN B 324 11.63 -8.39 -16.89
N LEU B 325 10.79 -8.43 -15.87
CA LEU B 325 9.93 -9.57 -15.58
C LEU B 325 8.65 -9.55 -16.41
N LYS B 326 8.32 -8.36 -16.93
CA LYS B 326 7.14 -8.20 -17.73
C LYS B 326 7.48 -8.61 -19.14
#